data_7ULU
#
_entry.id   7ULU
#
_cell.length_a   73.810
_cell.length_b   46.850
_cell.length_c   80.270
_cell.angle_alpha   90.000
_cell.angle_beta   109.150
_cell.angle_gamma   90.000
#
_symmetry.space_group_name_H-M   'P 1 21 1'
#
loop_
_entity.id
_entity.type
_entity.pdbx_description
1 polymer 'N(G),N(G)-dimethylarginine dimethylaminohydrolase 1'
2 non-polymer '(2S)-2-amino-4-[(pyridin-2-yl)amino]butanoic acid'
3 water water
#
_entity_poly.entity_id   1
_entity_poly.type   'polypeptide(L)'
_entity_poly.pdbx_seq_one_letter_code
;MGSSHHHHHHSSGLVPRGSHMASMAGLGHPAAFGRATHAVVRALPESLGQHALRSAKGEEVDVARAERQHQLYVGVLGSK
LGLQVVELPADESLPDCVFVEDVAVVCEETALITRPGAPSRRKEVDMMKEALEKLQLNIVEMKDENATLDGGDVLFTGRE
FFVGLSKRTNQRGAEILADTFKDYAVSTVPVADGLHLKSFCSMAGPNLIAIGSSESAQKALKIMQQMSDHRYDKLTVPDD
IAANCIYLNIPNKGHVLLHRTPEEYPESAKVYEKLKDHMLIPVSMSELEKVDGLLTCCSVLINKKVDS
;
_entity_poly.pdbx_strand_id   A,B
#
loop_
_chem_comp.id
_chem_comp.type
_chem_comp.name
_chem_comp.formula
NOU non-polymer '(2S)-2-amino-4-[(pyridin-2-yl)amino]butanoic acid' 'C9 H13 N3 O2'
#
# COMPACT_ATOMS: atom_id res chain seq x y z
N ALA A 31 -11.80 -37.56 3.12
CA ALA A 31 -11.41 -37.54 1.71
C ALA A 31 -11.88 -36.26 1.00
N ALA A 32 -12.64 -35.44 1.71
CA ALA A 32 -13.14 -34.20 1.15
C ALA A 32 -11.98 -33.23 0.91
N PHE A 33 -12.26 -32.19 0.11
CA PHE A 33 -11.26 -31.16 -0.13
C PHE A 33 -10.87 -30.48 1.19
N GLY A 34 -9.60 -30.10 1.29
CA GLY A 34 -9.10 -29.43 2.47
C GLY A 34 -8.94 -30.32 3.68
N ARG A 35 -9.19 -31.62 3.57
CA ARG A 35 -9.04 -32.51 4.71
C ARG A 35 -7.57 -32.71 5.01
N ALA A 36 -7.18 -32.49 6.27
CA ALA A 36 -5.82 -32.70 6.71
C ALA A 36 -5.81 -33.47 8.01
N THR A 37 -4.74 -34.24 8.21
CA THR A 37 -4.50 -34.94 9.47
C THR A 37 -3.21 -34.51 10.15
N HIS A 38 -2.24 -33.99 9.39
CA HIS A 38 -0.95 -33.58 9.92
C HIS A 38 -0.59 -32.21 9.37
N ALA A 39 0.19 -31.48 10.15
CA ALA A 39 0.75 -30.21 9.71
C ALA A 39 2.21 -30.16 10.12
N VAL A 40 3.09 -29.79 9.19
CA VAL A 40 4.49 -29.56 9.48
C VAL A 40 4.71 -28.06 9.57
N VAL A 41 5.29 -27.61 10.70
CA VAL A 41 5.67 -26.23 10.91
C VAL A 41 7.12 -26.19 11.35
N ARG A 42 7.67 -24.99 11.44
CA ARG A 42 9.05 -24.81 11.88
C ARG A 42 9.15 -23.53 12.68
N ALA A 43 9.82 -23.60 13.84
CA ALA A 43 9.92 -22.43 14.71
C ALA A 43 10.73 -21.34 14.04
N LEU A 44 10.41 -20.09 14.40
CA LEU A 44 11.23 -19.08 13.73
C LEU A 44 12.47 -18.78 14.55
N PRO A 45 13.60 -18.56 13.89
CA PRO A 45 14.84 -18.27 14.61
C PRO A 45 14.95 -16.81 15.00
N GLU A 46 15.87 -16.55 15.93
CA GLU A 46 16.10 -15.17 16.36
C GLU A 46 16.60 -14.30 15.22
N SER A 47 17.37 -14.87 14.29
CA SER A 47 17.91 -14.11 13.17
C SER A 47 16.84 -13.61 12.21
N LEU A 48 15.58 -14.06 12.36
CA LEU A 48 14.53 -13.63 11.45
C LEU A 48 14.35 -12.12 11.47
N GLY A 49 14.34 -11.53 12.66
CA GLY A 49 13.99 -10.12 12.79
C GLY A 49 14.86 -9.22 11.94
N GLN A 50 16.14 -9.54 11.82
CA GLN A 50 17.09 -8.72 11.09
C GLN A 50 17.45 -9.28 9.72
N HIS A 51 17.43 -10.59 9.54
CA HIS A 51 18.04 -11.21 8.38
C HIS A 51 17.05 -11.92 7.45
N ALA A 52 15.77 -11.97 7.78
CA ALA A 52 14.80 -12.56 6.88
C ALA A 52 14.58 -11.67 5.66
N LEU A 53 14.59 -12.27 4.48
CA LEU A 53 14.36 -11.51 3.25
C LEU A 53 13.02 -10.80 3.29
N ARG A 54 12.99 -9.58 2.78
CA ARG A 54 11.73 -8.84 2.69
C ARG A 54 11.72 -8.03 1.41
N SER A 55 10.57 -7.99 0.76
CA SER A 55 10.43 -7.27 -0.50
C SER A 55 10.40 -5.76 -0.33
N ALA A 56 10.22 -5.27 0.90
CA ALA A 56 10.13 -3.84 1.13
C ALA A 56 10.72 -3.51 2.50
N LYS A 57 11.42 -2.38 2.56
CA LYS A 57 11.87 -1.86 3.85
C LYS A 57 10.66 -1.33 4.62
N GLY A 58 10.64 -1.58 5.91
CA GLY A 58 9.51 -1.19 6.73
C GLY A 58 9.86 -1.07 8.19
N GLU A 59 8.84 -1.24 9.05
CA GLU A 59 9.04 -1.10 10.46
C GLU A 59 9.80 -2.30 11.03
N GLU A 60 10.40 -2.09 12.19
CA GLU A 60 11.19 -3.12 12.84
C GLU A 60 10.33 -4.30 13.26
N VAL A 61 10.88 -5.51 13.08
CA VAL A 61 10.16 -6.73 13.43
C VAL A 61 10.34 -6.99 14.92
N ASP A 62 9.23 -7.17 15.63
CA ASP A 62 9.27 -7.62 17.02
C ASP A 62 9.33 -9.14 17.01
N VAL A 63 10.54 -9.69 17.20
CA VAL A 63 10.72 -11.14 17.16
C VAL A 63 9.92 -11.82 18.27
N ALA A 64 9.84 -11.17 19.44
CA ALA A 64 9.09 -11.77 20.54
C ALA A 64 7.61 -11.89 20.20
N ARG A 65 7.03 -10.84 19.62
CA ARG A 65 5.62 -10.89 19.25
C ARG A 65 5.41 -11.87 18.09
N ALA A 66 6.31 -11.87 17.10
CA ALA A 66 6.23 -12.86 16.03
C ALA A 66 6.29 -14.27 16.58
N GLU A 67 7.20 -14.52 17.53
CA GLU A 67 7.26 -15.82 18.18
C GLU A 67 5.95 -16.12 18.89
N ARG A 68 5.34 -15.10 19.49
CA ARG A 68 4.04 -15.28 20.13
C ARG A 68 2.97 -15.65 19.12
N GLN A 69 2.89 -14.91 18.02
CA GLN A 69 1.88 -15.18 17.00
C GLN A 69 2.08 -16.53 16.34
N HIS A 70 3.33 -16.97 16.16
CA HIS A 70 3.58 -18.30 15.61
C HIS A 70 3.10 -19.39 16.55
N GLN A 71 3.26 -19.19 17.86
CA GLN A 71 2.80 -20.18 18.83
C GLN A 71 1.28 -20.27 18.87
N LEU A 72 0.58 -19.14 18.65
CA LEU A 72 -0.87 -19.17 18.56
C LEU A 72 -1.32 -19.88 17.29
N TYR A 73 -0.59 -19.68 16.20
CA TYR A 73 -0.90 -20.33 14.92
C TYR A 73 -0.76 -21.85 15.04
N VAL A 74 0.36 -22.32 15.58
CA VAL A 74 0.54 -23.75 15.80
C VAL A 74 -0.52 -24.29 16.74
N GLY A 75 -0.92 -23.51 17.74
CA GLY A 75 -1.93 -23.96 18.68
C GLY A 75 -3.27 -24.21 18.02
N VAL A 76 -3.66 -23.34 17.07
CA VAL A 76 -4.93 -23.52 16.39
C VAL A 76 -4.93 -24.80 15.58
N LEU A 77 -3.84 -25.06 14.84
CA LEU A 77 -3.77 -26.27 14.02
C LEU A 77 -3.69 -27.52 14.89
N GLY A 78 -2.89 -27.49 15.95
CA GLY A 78 -2.61 -28.68 16.73
C GLY A 78 -3.63 -29.01 17.81
N SER A 79 -3.97 -28.01 18.62
CA SER A 79 -4.91 -28.25 19.71
C SER A 79 -6.35 -28.00 19.28
N LYS A 80 -6.66 -26.77 18.86
CA LYS A 80 -8.03 -26.43 18.52
C LYS A 80 -8.60 -27.30 17.41
N LEU A 81 -7.74 -27.75 16.48
CA LEU A 81 -8.19 -28.53 15.34
C LEU A 81 -7.70 -29.97 15.34
N GLY A 82 -6.91 -30.37 16.33
CA GLY A 82 -6.54 -31.76 16.49
C GLY A 82 -5.59 -32.34 15.48
N LEU A 83 -5.04 -31.53 14.59
CA LEU A 83 -4.06 -32.03 13.65
C LEU A 83 -2.80 -32.48 14.38
N GLN A 84 -2.12 -33.48 13.81
CA GLN A 84 -0.86 -33.97 14.35
C GLN A 84 0.26 -33.10 13.82
N VAL A 85 0.86 -32.28 14.69
CA VAL A 85 1.82 -31.27 14.29
C VAL A 85 3.23 -31.79 14.48
N VAL A 86 4.03 -31.74 13.42
CA VAL A 86 5.46 -31.94 13.49
C VAL A 86 6.10 -30.55 13.57
N GLU A 87 6.67 -30.23 14.73
CA GLU A 87 7.30 -28.93 14.96
C GLU A 87 8.78 -29.08 14.71
N LEU A 88 9.26 -28.52 13.60
CA LEU A 88 10.68 -28.60 13.29
C LEU A 88 11.44 -27.52 14.05
N PRO A 89 12.68 -27.81 14.47
CA PRO A 89 13.44 -26.83 15.24
C PRO A 89 13.98 -25.71 14.37
N ALA A 90 14.12 -24.54 14.99
CA ALA A 90 14.64 -23.38 14.29
C ALA A 90 16.12 -23.58 13.97
N ASP A 91 16.60 -22.81 12.99
CA ASP A 91 18.00 -22.82 12.59
C ASP A 91 18.40 -21.38 12.34
N GLU A 92 19.26 -20.84 13.21
CA GLU A 92 19.58 -19.41 13.16
C GLU A 92 20.22 -19.02 11.84
N SER A 93 20.87 -19.96 11.15
CA SER A 93 21.48 -19.67 9.86
C SER A 93 20.48 -19.62 8.72
N LEU A 94 19.22 -19.99 8.97
CA LEU A 94 18.16 -19.91 7.97
C LEU A 94 17.08 -18.97 8.50
N PRO A 95 17.20 -17.67 8.24
CA PRO A 95 16.27 -16.71 8.86
C PRO A 95 14.82 -16.87 8.39
N ASP A 96 14.57 -17.60 7.31
CA ASP A 96 13.22 -17.74 6.77
C ASP A 96 12.66 -19.13 6.98
N CYS A 97 13.31 -19.97 7.78
CA CYS A 97 12.92 -21.37 7.89
C CYS A 97 11.53 -21.56 8.49
N VAL A 98 10.91 -20.50 9.03
CA VAL A 98 9.55 -20.61 9.52
C VAL A 98 8.57 -20.85 8.38
N PHE A 99 8.91 -20.40 7.17
CA PHE A 99 7.98 -20.42 6.04
C PHE A 99 8.13 -21.74 5.28
N VAL A 100 7.65 -22.81 5.94
CA VAL A 100 7.84 -24.15 5.41
C VAL A 100 7.07 -24.38 4.11
N GLU A 101 6.05 -23.57 3.83
CA GLU A 101 5.23 -23.83 2.65
C GLU A 101 6.04 -23.71 1.36
N ASP A 102 7.06 -22.86 1.36
CA ASP A 102 7.84 -22.67 0.15
C ASP A 102 8.69 -23.89 -0.19
N VAL A 103 9.05 -24.70 0.81
CA VAL A 103 9.98 -25.80 0.58
C VAL A 103 9.30 -27.13 0.26
N ALA A 104 7.96 -27.18 0.25
CA ALA A 104 7.32 -28.45 -0.06
C ALA A 104 5.88 -28.21 -0.50
N VAL A 105 5.48 -28.91 -1.57
CA VAL A 105 4.11 -28.95 -2.03
C VAL A 105 3.62 -30.38 -1.90
N VAL A 106 2.58 -30.61 -1.10
CA VAL A 106 2.07 -31.94 -0.81
C VAL A 106 0.71 -32.10 -1.47
N CYS A 107 0.55 -33.17 -2.24
CA CYS A 107 -0.72 -33.51 -2.86
C CYS A 107 -0.96 -35.01 -2.64
N GLU A 108 -1.99 -35.33 -1.85
CA GLU A 108 -2.32 -36.72 -1.48
C GLU A 108 -1.10 -37.29 -0.78
N GLU A 109 -0.62 -38.47 -1.18
CA GLU A 109 0.52 -39.09 -0.52
C GLU A 109 1.86 -38.71 -1.14
N THR A 110 1.86 -37.83 -2.15
CA THR A 110 3.08 -37.43 -2.83
C THR A 110 3.51 -36.06 -2.34
N ALA A 111 4.79 -35.91 -2.03
CA ALA A 111 5.35 -34.66 -1.53
C ALA A 111 6.44 -34.20 -2.49
N LEU A 112 6.23 -33.04 -3.11
CA LEU A 112 7.23 -32.42 -3.97
C LEU A 112 8.12 -31.53 -3.11
N ILE A 113 9.39 -31.89 -3.00
CA ILE A 113 10.38 -31.03 -2.36
C ILE A 113 10.86 -30.03 -3.39
N THR A 114 10.58 -28.75 -3.16
CA THR A 114 10.83 -27.71 -4.15
C THR A 114 12.29 -27.27 -4.15
N ARG A 115 12.61 -26.35 -5.04
CA ARG A 115 13.91 -25.67 -5.11
C ARG A 115 13.64 -24.18 -4.99
N PRO A 116 13.68 -23.63 -3.77
CA PRO A 116 13.26 -22.23 -3.58
C PRO A 116 14.06 -21.26 -4.42
N GLY A 117 13.37 -20.23 -4.91
CA GLY A 117 13.98 -19.24 -5.78
C GLY A 117 15.05 -18.41 -5.12
N ALA A 118 14.97 -18.24 -3.81
CA ALA A 118 16.06 -17.59 -3.07
C ALA A 118 17.11 -18.64 -2.77
N PRO A 119 18.31 -18.53 -3.35
CA PRO A 119 19.32 -19.58 -3.16
C PRO A 119 19.65 -19.84 -1.70
N SER A 120 19.64 -18.79 -0.86
CA SER A 120 19.98 -18.94 0.55
C SER A 120 18.94 -19.72 1.33
N ARG A 121 17.75 -19.95 0.76
CA ARG A 121 16.71 -20.68 1.46
C ARG A 121 16.73 -22.17 1.13
N ARG A 122 17.52 -22.59 0.15
CA ARG A 122 17.50 -23.97 -0.33
C ARG A 122 18.00 -24.97 0.70
N LYS A 123 18.64 -24.52 1.79
CA LYS A 123 19.05 -25.44 2.84
C LYS A 123 17.92 -25.79 3.77
N GLU A 124 16.82 -25.03 3.77
CA GLU A 124 15.64 -25.40 4.53
C GLU A 124 15.00 -26.69 4.03
N VAL A 125 15.42 -27.16 2.86
CA VAL A 125 14.85 -28.35 2.24
C VAL A 125 15.20 -29.60 3.02
N ASP A 126 16.44 -29.68 3.52
CA ASP A 126 16.94 -30.92 4.14
C ASP A 126 16.07 -31.34 5.31
N MET A 127 15.75 -30.41 6.21
CA MET A 127 14.96 -30.76 7.39
C MET A 127 13.51 -31.03 7.04
N MET A 128 13.01 -30.47 5.94
CA MET A 128 11.64 -30.77 5.52
C MET A 128 11.54 -32.16 4.91
N LYS A 129 12.49 -32.51 4.05
CA LYS A 129 12.47 -33.85 3.46
C LYS A 129 12.58 -34.93 4.52
N GLU A 130 13.41 -34.70 5.54
CA GLU A 130 13.59 -35.70 6.59
C GLU A 130 12.28 -35.97 7.32
N ALA A 131 11.44 -34.93 7.49
CA ALA A 131 10.17 -35.11 8.18
C ALA A 131 9.09 -35.68 7.27
N LEU A 132 9.11 -35.33 5.98
CA LEU A 132 8.07 -35.79 5.07
C LEU A 132 8.20 -37.28 4.77
N GLU A 133 9.42 -37.82 4.80
CA GLU A 133 9.57 -39.26 4.58
C GLU A 133 9.37 -40.06 5.86
N LYS A 134 9.53 -39.44 7.02
CA LYS A 134 9.13 -40.11 8.27
C LYS A 134 7.61 -40.19 8.37
N LEU A 135 6.89 -39.24 7.77
CA LEU A 135 5.46 -39.38 7.57
C LEU A 135 5.13 -40.28 6.38
N GLN A 136 6.12 -40.94 5.79
CA GLN A 136 5.91 -41.93 4.72
C GLN A 136 5.09 -41.34 3.56
N LEU A 137 5.64 -40.30 2.95
CA LEU A 137 5.12 -39.81 1.69
C LEU A 137 6.11 -40.13 0.58
N ASN A 138 5.61 -40.19 -0.65
CA ASN A 138 6.49 -40.41 -1.78
C ASN A 138 7.21 -39.10 -2.08
N ILE A 139 8.52 -39.09 -1.89
CA ILE A 139 9.31 -37.87 -1.97
C ILE A 139 9.86 -37.70 -3.38
N VAL A 140 9.61 -36.53 -3.98
CA VAL A 140 10.22 -36.14 -5.23
C VAL A 140 10.94 -34.81 -5.01
N GLU A 141 12.24 -34.78 -5.31
CA GLU A 141 13.09 -33.61 -5.08
C GLU A 141 13.31 -32.86 -6.38
N MET A 142 13.05 -31.56 -6.37
CA MET A 142 13.34 -30.67 -7.50
C MET A 142 14.83 -30.37 -7.50
N LYS A 143 15.61 -31.21 -8.19
CA LYS A 143 17.06 -31.06 -8.26
C LYS A 143 17.53 -30.30 -9.49
N ASP A 144 16.66 -30.09 -10.48
CA ASP A 144 17.02 -29.37 -11.70
C ASP A 144 17.59 -28.00 -11.36
N GLU A 145 18.86 -27.78 -11.74
CA GLU A 145 19.54 -26.53 -11.42
C GLU A 145 19.01 -25.35 -12.23
N ASN A 146 18.03 -25.56 -13.10
CA ASN A 146 17.40 -24.47 -13.83
C ASN A 146 15.96 -24.25 -13.42
N ALA A 147 15.47 -25.02 -12.46
CA ALA A 147 14.09 -24.95 -12.00
C ALA A 147 14.06 -24.39 -10.60
N THR A 148 13.21 -23.38 -10.39
CA THR A 148 12.95 -22.84 -9.07
C THR A 148 11.45 -22.78 -8.87
N LEU A 149 11.01 -23.10 -7.66
CA LEU A 149 9.61 -23.04 -7.30
C LEU A 149 9.49 -22.74 -5.82
N ASP A 150 8.70 -21.71 -5.51
CA ASP A 150 8.29 -21.44 -4.13
C ASP A 150 6.89 -22.00 -3.94
N GLY A 151 6.72 -22.87 -2.93
CA GLY A 151 5.41 -23.40 -2.63
C GLY A 151 4.36 -22.33 -2.46
N GLY A 152 4.76 -21.12 -2.07
CA GLY A 152 3.84 -20.00 -1.98
C GLY A 152 3.26 -19.55 -3.30
N ASP A 153 3.81 -20.03 -4.43
CA ASP A 153 3.27 -19.72 -5.74
C ASP A 153 2.29 -20.78 -6.25
N VAL A 154 2.04 -21.83 -5.48
CA VAL A 154 1.21 -22.96 -5.91
C VAL A 154 -0.13 -22.87 -5.21
N LEU A 155 -1.20 -22.73 -5.99
CA LEU A 155 -2.56 -22.80 -5.49
C LEU A 155 -3.17 -24.11 -5.95
N PHE A 156 -3.58 -24.95 -5.01
CA PHE A 156 -4.22 -26.23 -5.28
C PHE A 156 -5.70 -26.11 -4.96
N THR A 157 -6.55 -26.14 -6.00
CA THR A 157 -7.97 -25.93 -5.82
C THR A 157 -8.74 -27.22 -5.50
N GLY A 158 -8.06 -28.35 -5.38
CA GLY A 158 -8.72 -29.62 -5.24
C GLY A 158 -9.09 -30.28 -6.54
N ARG A 159 -9.08 -29.53 -7.64
CA ARG A 159 -9.29 -30.07 -8.98
C ARG A 159 -8.12 -29.84 -9.91
N GLU A 160 -7.29 -28.83 -9.67
CA GLU A 160 -6.15 -28.54 -10.52
C GLU A 160 -5.17 -27.69 -9.74
N PHE A 161 -4.01 -27.45 -10.35
CA PHE A 161 -2.99 -26.59 -9.78
C PHE A 161 -2.89 -25.30 -10.59
N PHE A 162 -2.63 -24.21 -9.88
CA PHE A 162 -2.22 -22.96 -10.49
C PHE A 162 -0.88 -22.58 -9.89
N VAL A 163 0.09 -22.28 -10.74
CA VAL A 163 1.44 -21.97 -10.32
C VAL A 163 1.77 -20.57 -10.83
N GLY A 164 2.10 -19.68 -9.91
CA GLY A 164 2.46 -18.32 -10.31
C GLY A 164 3.89 -18.26 -10.82
N LEU A 165 4.07 -17.54 -11.92
CA LEU A 165 5.38 -17.34 -12.52
C LEU A 165 5.91 -16.00 -12.02
N SER A 166 6.75 -16.04 -10.99
CA SER A 166 7.22 -14.86 -10.30
C SER A 166 8.75 -14.80 -10.37
N LYS A 167 9.34 -13.91 -9.57
CA LYS A 167 10.79 -13.86 -9.48
C LYS A 167 11.35 -15.11 -8.81
N ARG A 168 10.52 -15.87 -8.09
CA ARG A 168 10.96 -17.05 -7.38
C ARG A 168 10.62 -18.36 -8.08
N THR A 169 9.59 -18.37 -8.92
CA THR A 169 9.11 -19.59 -9.56
C THR A 169 9.18 -19.42 -11.07
N ASN A 170 9.88 -20.33 -11.74
CA ASN A 170 10.07 -20.25 -13.19
C ASN A 170 9.33 -21.40 -13.88
N GLN A 171 9.35 -21.34 -15.22
CA GLN A 171 8.62 -22.32 -16.02
C GLN A 171 9.08 -23.74 -15.73
N ARG A 172 10.41 -23.96 -15.67
CA ARG A 172 10.92 -25.29 -15.39
C ARG A 172 10.37 -25.84 -14.09
N GLY A 173 10.35 -25.01 -13.04
CA GLY A 173 9.81 -25.45 -11.77
C GLY A 173 8.34 -25.83 -11.88
N ALA A 174 7.58 -25.07 -12.65
CA ALA A 174 6.18 -25.42 -12.87
C ALA A 174 6.06 -26.71 -13.66
N GLU A 175 6.93 -26.91 -14.65
CA GLU A 175 6.90 -28.14 -15.42
C GLU A 175 7.19 -29.35 -14.54
N ILE A 176 8.12 -29.21 -13.59
CA ILE A 176 8.46 -30.33 -12.72
C ILE A 176 7.30 -30.66 -11.81
N LEU A 177 6.59 -29.64 -11.31
CA LEU A 177 5.40 -29.90 -10.51
C LEU A 177 4.34 -30.64 -11.33
N ALA A 178 4.10 -30.16 -12.55
CA ALA A 178 3.18 -30.86 -13.44
C ALA A 178 3.60 -32.30 -13.65
N ASP A 179 4.89 -32.54 -13.80
CA ASP A 179 5.39 -33.90 -13.97
C ASP A 179 5.24 -34.73 -12.70
N THR A 180 5.13 -34.10 -11.54
CA THR A 180 5.03 -34.82 -10.28
C THR A 180 3.60 -35.20 -9.93
N PHE A 181 2.62 -34.40 -10.35
CA PHE A 181 1.21 -34.68 -10.08
C PHE A 181 0.46 -34.75 -11.41
N LYS A 182 0.74 -35.80 -12.20
CA LYS A 182 0.12 -35.92 -13.51
C LYS A 182 -1.36 -36.26 -13.47
N ASP A 183 -1.90 -36.60 -12.28
CA ASP A 183 -3.34 -36.76 -12.15
C ASP A 183 -4.08 -35.43 -12.27
N TYR A 184 -3.40 -34.33 -11.95
CA TYR A 184 -4.01 -33.02 -11.87
C TYR A 184 -3.47 -32.11 -12.98
N ALA A 185 -4.36 -31.32 -13.56
CA ALA A 185 -3.92 -30.31 -14.52
C ALA A 185 -3.12 -29.22 -13.83
N VAL A 186 -2.18 -28.65 -14.56
CA VAL A 186 -1.36 -27.55 -14.06
C VAL A 186 -1.41 -26.41 -15.07
N SER A 187 -1.69 -25.20 -14.59
CA SER A 187 -1.65 -24.00 -15.40
C SER A 187 -0.78 -22.98 -14.70
N THR A 188 -0.29 -22.01 -15.46
CA THR A 188 0.55 -20.97 -14.91
C THR A 188 -0.13 -19.61 -15.08
N VAL A 189 0.28 -18.65 -14.25
CA VAL A 189 -0.28 -17.30 -14.26
C VAL A 189 0.83 -16.32 -13.87
N PRO A 190 0.98 -15.21 -14.59
CA PRO A 190 2.08 -14.28 -14.27
C PRO A 190 1.81 -13.54 -12.97
N VAL A 191 2.83 -13.48 -12.12
CA VAL A 191 2.79 -12.76 -10.85
C VAL A 191 3.85 -11.65 -10.91
N ALA A 192 3.46 -10.44 -10.52
CA ALA A 192 4.30 -9.26 -10.67
C ALA A 192 5.03 -8.91 -9.38
N ASP A 193 6.11 -8.16 -9.53
CA ASP A 193 6.91 -7.57 -8.45
C ASP A 193 7.49 -8.69 -7.58
N GLY A 194 7.69 -8.39 -6.29
CA GLY A 194 8.20 -9.38 -5.37
C GLY A 194 7.07 -9.99 -4.57
N LEU A 195 6.17 -10.66 -5.28
CA LEU A 195 4.98 -11.27 -4.70
C LEU A 195 4.99 -12.77 -4.96
N HIS A 196 4.13 -13.48 -4.26
CA HIS A 196 3.78 -14.85 -4.59
C HIS A 196 2.34 -14.87 -5.10
N LEU A 197 1.97 -15.97 -5.76
CA LEU A 197 0.58 -16.11 -6.19
C LEU A 197 -0.37 -16.02 -5.01
N LYS A 198 -0.08 -16.78 -3.96
CA LYS A 198 -0.93 -16.78 -2.78
C LYS A 198 -0.70 -15.57 -1.89
N SER A 199 -0.03 -14.53 -2.39
CA SER A 199 -0.05 -13.24 -1.72
C SER A 199 -1.36 -12.49 -1.93
N PHE A 200 -2.23 -12.98 -2.83
CA PHE A 200 -3.51 -12.33 -3.07
C PHE A 200 -4.62 -13.34 -3.35
N CYS A 201 -4.43 -14.61 -3.02
CA CYS A 201 -5.49 -15.59 -3.16
C CYS A 201 -5.15 -16.82 -2.33
N SER A 202 -6.16 -17.65 -2.10
CA SER A 202 -6.04 -18.95 -1.47
C SER A 202 -7.42 -19.61 -1.53
N MET A 203 -7.46 -20.90 -1.23
CA MET A 203 -8.73 -21.61 -1.19
C MET A 203 -9.44 -21.31 0.13
N ALA A 204 -10.66 -20.79 0.04
CA ALA A 204 -11.47 -20.51 1.21
C ALA A 204 -12.54 -21.59 1.46
N GLY A 205 -12.61 -22.60 0.60
CA GLY A 205 -13.57 -23.67 0.75
C GLY A 205 -13.59 -24.56 -0.48
N PRO A 206 -14.52 -25.51 -0.53
CA PRO A 206 -14.67 -26.33 -1.74
C PRO A 206 -15.19 -25.46 -2.89
N ASN A 207 -14.40 -25.38 -3.96
CA ASN A 207 -14.71 -24.57 -5.14
C ASN A 207 -14.78 -23.07 -4.84
N LEU A 208 -14.29 -22.63 -3.68
CA LEU A 208 -14.33 -21.24 -3.26
C LEU A 208 -12.92 -20.68 -3.20
N ILE A 209 -12.65 -19.66 -4.00
CA ILE A 209 -11.34 -19.02 -4.05
C ILE A 209 -11.46 -17.63 -3.45
N ALA A 210 -10.79 -17.42 -2.31
CA ALA A 210 -10.64 -16.06 -1.80
C ALA A 210 -9.64 -15.32 -2.68
N ILE A 211 -10.00 -14.09 -3.07
CA ILE A 211 -9.23 -13.34 -4.06
C ILE A 211 -9.32 -11.87 -3.71
N GLY A 212 -8.22 -11.14 -3.94
CA GLY A 212 -8.18 -9.73 -3.62
C GLY A 212 -8.93 -8.87 -4.62
N SER A 213 -9.08 -7.60 -4.26
CA SER A 213 -9.86 -6.65 -5.06
C SER A 213 -9.01 -5.83 -6.02
N SER A 214 -7.69 -5.92 -5.94
CA SER A 214 -6.84 -5.10 -6.79
C SER A 214 -6.94 -5.56 -8.25
N GLU A 215 -6.50 -4.68 -9.15
CA GLU A 215 -6.44 -5.04 -10.56
C GLU A 215 -5.43 -6.15 -10.81
N SER A 216 -4.31 -6.16 -10.07
CA SER A 216 -3.35 -7.26 -10.17
C SER A 216 -4.02 -8.60 -9.84
N ALA A 217 -4.73 -8.67 -8.71
CA ALA A 217 -5.34 -9.91 -8.29
C ALA A 217 -6.47 -10.33 -9.25
N GLN A 218 -7.29 -9.38 -9.68
CA GLN A 218 -8.39 -9.71 -10.58
C GLN A 218 -7.89 -10.11 -11.95
N LYS A 219 -6.79 -9.50 -12.41
CA LYS A 219 -6.19 -9.90 -13.68
C LYS A 219 -5.66 -11.33 -13.62
N ALA A 220 -5.03 -11.69 -12.50
CA ALA A 220 -4.56 -13.06 -12.32
C ALA A 220 -5.72 -14.03 -12.24
N LEU A 221 -6.78 -13.67 -11.52
CA LEU A 221 -7.94 -14.55 -11.43
C LEU A 221 -8.61 -14.72 -12.80
N LYS A 222 -8.71 -13.62 -13.56
CA LYS A 222 -9.26 -13.71 -14.92
C LYS A 222 -8.48 -14.71 -15.76
N ILE A 223 -7.16 -14.75 -15.60
CA ILE A 223 -6.35 -15.71 -16.34
C ILE A 223 -6.62 -17.14 -15.87
N MET A 224 -6.70 -17.34 -14.55
CA MET A 224 -6.87 -18.69 -14.02
C MET A 224 -8.22 -19.28 -14.39
N GLN A 225 -9.29 -18.47 -14.32
CA GLN A 225 -10.61 -18.97 -14.69
C GLN A 225 -10.69 -19.27 -16.19
N GLN A 226 -9.85 -18.61 -16.99
CA GLN A 226 -9.82 -18.86 -18.43
C GLN A 226 -9.40 -20.30 -18.73
N MET A 227 -8.22 -20.68 -18.25
CA MET A 227 -7.63 -21.97 -18.60
C MET A 227 -8.24 -23.15 -17.85
N SER A 228 -9.20 -22.90 -16.96
CA SER A 228 -9.80 -23.99 -16.20
C SER A 228 -11.01 -24.55 -16.94
N ASP A 229 -11.20 -25.87 -16.84
CA ASP A 229 -12.41 -26.53 -17.30
C ASP A 229 -13.54 -26.40 -16.29
N HIS A 230 -13.39 -25.50 -15.32
CA HIS A 230 -14.35 -25.33 -14.24
C HIS A 230 -14.26 -23.89 -13.76
N ARG A 231 -15.40 -23.25 -13.58
CA ARG A 231 -15.43 -21.87 -13.11
C ARG A 231 -15.79 -21.87 -11.63
N TYR A 232 -14.90 -21.32 -10.82
CA TYR A 232 -15.00 -21.38 -9.37
C TYR A 232 -15.87 -20.25 -8.85
N ASP A 233 -16.39 -20.45 -7.64
CA ASP A 233 -16.96 -19.37 -6.86
C ASP A 233 -15.84 -18.58 -6.22
N LYS A 234 -16.04 -17.26 -6.08
CA LYS A 234 -15.00 -16.40 -5.54
C LYS A 234 -15.54 -15.61 -4.36
N LEU A 235 -14.65 -15.38 -3.39
CA LEU A 235 -14.91 -14.54 -2.22
C LEU A 235 -13.92 -13.38 -2.29
N THR A 236 -14.39 -12.22 -2.74
CA THR A 236 -13.55 -11.05 -2.98
C THR A 236 -13.39 -10.25 -1.69
N VAL A 237 -12.15 -10.03 -1.27
CA VAL A 237 -11.87 -9.25 -0.07
C VAL A 237 -11.14 -7.97 -0.47
N PRO A 238 -11.37 -6.86 0.24
CA PRO A 238 -10.79 -5.57 -0.18
C PRO A 238 -9.28 -5.48 0.01
N ASP A 239 -8.67 -6.40 0.76
CA ASP A 239 -7.25 -6.37 1.04
C ASP A 239 -6.63 -7.64 0.47
N ASP A 240 -5.73 -7.48 -0.50
CA ASP A 240 -5.12 -8.63 -1.16
C ASP A 240 -4.50 -9.60 -0.15
N ILE A 241 -3.72 -9.06 0.80
CA ILE A 241 -3.03 -9.91 1.76
C ILE A 241 -4.02 -10.71 2.61
N ALA A 242 -5.20 -10.15 2.88
CA ALA A 242 -6.20 -10.86 3.65
C ALA A 242 -6.92 -11.93 2.85
N ALA A 243 -6.65 -12.02 1.54
CA ALA A 243 -7.17 -13.14 0.77
C ALA A 243 -6.42 -14.43 1.07
N ASN A 244 -5.28 -14.35 1.77
CA ASN A 244 -4.55 -15.56 2.15
C ASN A 244 -5.14 -16.10 3.43
N CYS A 245 -5.84 -17.22 3.33
CA CYS A 245 -6.47 -17.86 4.47
C CYS A 245 -6.16 -19.36 4.41
N ILE A 246 -6.38 -20.04 5.51
CA ILE A 246 -6.23 -21.49 5.56
C ILE A 246 -7.61 -22.09 5.71
N TYR A 247 -8.05 -22.81 4.67
CA TYR A 247 -9.28 -23.57 4.74
C TYR A 247 -8.97 -25.00 5.15
N LEU A 248 -9.81 -25.53 6.04
CA LEU A 248 -9.64 -26.89 6.52
C LEU A 248 -11.02 -27.53 6.64
N ASN A 249 -11.05 -28.84 6.42
CA ASN A 249 -12.24 -29.66 6.65
C ASN A 249 -11.89 -30.65 7.76
N ILE A 250 -12.43 -30.43 8.95
CA ILE A 250 -12.07 -31.22 10.13
C ILE A 250 -13.20 -32.20 10.42
N PRO A 251 -12.90 -33.43 10.81
CA PRO A 251 -13.98 -34.37 11.16
C PRO A 251 -14.82 -33.85 12.32
N ASN A 252 -16.13 -34.03 12.18
CA ASN A 252 -17.12 -33.59 13.18
C ASN A 252 -17.11 -32.09 13.40
N LYS A 253 -16.48 -31.34 12.51
CA LYS A 253 -16.54 -29.88 12.55
C LYS A 253 -16.89 -29.26 11.21
N GLY A 254 -16.34 -29.79 10.12
CA GLY A 254 -16.71 -29.33 8.79
C GLY A 254 -15.83 -28.20 8.32
N HIS A 255 -16.44 -27.15 7.77
CA HIS A 255 -15.71 -26.02 7.23
C HIS A 255 -15.03 -25.24 8.36
N VAL A 256 -13.70 -25.12 8.27
CA VAL A 256 -12.93 -24.31 9.21
C VAL A 256 -12.03 -23.39 8.38
N LEU A 257 -12.01 -22.11 8.72
CA LEU A 257 -11.21 -21.14 8.00
C LEU A 257 -10.44 -20.27 8.96
N LEU A 258 -9.12 -20.22 8.79
CA LEU A 258 -8.25 -19.31 9.54
C LEU A 258 -8.04 -18.05 8.70
N HIS A 259 -8.39 -16.89 9.26
CA HIS A 259 -8.27 -15.64 8.53
C HIS A 259 -7.66 -14.56 9.41
N ARG A 260 -7.21 -13.49 8.77
CA ARG A 260 -6.62 -12.38 9.49
C ARG A 260 -7.67 -11.70 10.37
N THR A 261 -7.21 -11.11 11.47
CA THR A 261 -8.10 -10.60 12.50
C THR A 261 -8.81 -9.32 12.03
N PRO A 262 -9.94 -9.00 12.65
CA PRO A 262 -10.56 -7.68 12.40
C PRO A 262 -9.67 -6.53 12.80
N GLU A 263 -8.71 -6.75 13.71
CA GLU A 263 -7.77 -5.70 14.06
C GLU A 263 -6.82 -5.39 12.91
N GLU A 264 -6.46 -6.40 12.12
CA GLU A 264 -5.52 -6.20 11.03
C GLU A 264 -6.22 -5.68 9.78
N TYR A 265 -7.20 -6.42 9.29
CA TYR A 265 -7.91 -6.08 8.06
C TYR A 265 -9.40 -6.14 8.32
N PRO A 266 -9.95 -5.10 8.97
CA PRO A 266 -11.37 -5.15 9.33
C PRO A 266 -12.31 -5.24 8.14
N GLU A 267 -11.94 -4.64 7.00
CA GLU A 267 -12.83 -4.68 5.84
C GLU A 267 -12.88 -6.06 5.22
N SER A 268 -11.77 -6.79 5.25
CA SER A 268 -11.79 -8.16 4.72
C SER A 268 -12.37 -9.14 5.72
N ALA A 269 -12.08 -8.94 7.02
CA ALA A 269 -12.67 -9.80 8.04
C ALA A 269 -14.20 -9.75 8.00
N LYS A 270 -14.76 -8.61 7.58
CA LYS A 270 -16.21 -8.51 7.43
C LYS A 270 -16.72 -9.44 6.34
N VAL A 271 -15.94 -9.60 5.27
CA VAL A 271 -16.37 -10.47 4.17
C VAL A 271 -16.32 -11.93 4.60
N TYR A 272 -15.33 -12.30 5.42
CA TYR A 272 -15.24 -13.68 5.89
C TYR A 272 -16.40 -14.02 6.83
N GLU A 273 -16.93 -13.03 7.55
CA GLU A 273 -18.07 -13.27 8.43
C GLU A 273 -19.32 -13.69 7.67
N LYS A 274 -19.34 -13.54 6.34
CA LYS A 274 -20.48 -13.99 5.55
C LYS A 274 -20.57 -15.51 5.50
N LEU A 275 -19.45 -16.20 5.68
CA LEU A 275 -19.44 -17.66 5.63
C LEU A 275 -20.13 -18.25 6.85
N LYS A 276 -21.46 -18.43 6.75
CA LYS A 276 -22.26 -18.85 7.90
C LYS A 276 -22.05 -20.32 8.26
N ASP A 277 -21.60 -21.14 7.31
CA ASP A 277 -21.34 -22.55 7.57
C ASP A 277 -19.87 -22.85 7.81
N HIS A 278 -19.06 -21.82 8.02
CA HIS A 278 -17.63 -21.95 8.34
C HIS A 278 -17.40 -21.65 9.81
N MET A 279 -16.56 -22.46 10.45
CA MET A 279 -16.05 -22.12 11.77
C MET A 279 -14.87 -21.17 11.56
N LEU A 280 -15.10 -19.89 11.79
CA LEU A 280 -14.09 -18.86 11.55
C LEU A 280 -13.18 -18.72 12.75
N ILE A 281 -11.88 -18.62 12.47
CA ILE A 281 -10.86 -18.47 13.50
C ILE A 281 -9.96 -17.29 13.12
N PRO A 282 -9.99 -16.19 13.87
CA PRO A 282 -9.07 -15.08 13.60
C PRO A 282 -7.66 -15.43 14.09
N VAL A 283 -6.70 -15.38 13.18
CA VAL A 283 -5.30 -15.68 13.49
C VAL A 283 -4.47 -14.50 13.02
N SER A 284 -3.76 -13.87 13.96
CA SER A 284 -2.95 -12.71 13.63
C SER A 284 -1.61 -13.14 13.03
N MET A 285 -1.10 -12.30 12.12
CA MET A 285 0.21 -12.53 11.51
C MET A 285 0.92 -11.22 11.22
N SER A 286 0.67 -10.19 12.03
CA SER A 286 1.09 -8.83 11.67
C SER A 286 2.60 -8.66 11.70
N GLU A 287 3.31 -9.43 12.54
CA GLU A 287 4.76 -9.30 12.56
C GLU A 287 5.39 -10.00 11.37
N LEU A 288 5.03 -11.26 11.14
CA LEU A 288 5.63 -12.00 10.04
C LEU A 288 5.27 -11.40 8.69
N GLU A 289 4.13 -10.69 8.62
CA GLU A 289 3.78 -10.01 7.37
C GLU A 289 4.84 -9.01 6.95
N LYS A 290 5.58 -8.44 7.90
CA LYS A 290 6.65 -7.50 7.55
C LYS A 290 7.70 -8.15 6.67
N VAL A 291 7.89 -9.46 6.81
CA VAL A 291 8.81 -10.20 5.95
C VAL A 291 8.00 -11.09 5.02
N ASP A 292 6.87 -10.57 4.53
CA ASP A 292 6.05 -11.21 3.50
C ASP A 292 5.56 -12.60 3.90
N GLY A 293 5.33 -12.82 5.20
CA GLY A 293 4.84 -14.10 5.69
C GLY A 293 3.34 -14.03 5.91
N LEU A 294 2.64 -15.01 5.36
CA LEU A 294 1.18 -15.06 5.41
C LEU A 294 0.74 -16.36 6.06
N LEU A 295 -0.58 -16.55 6.15
CA LEU A 295 -1.12 -17.68 6.90
C LEU A 295 -0.71 -19.02 6.28
N THR A 296 -0.96 -19.18 4.98
CA THR A 296 -0.60 -20.41 4.29
C THR A 296 0.90 -20.69 4.36
N CYS A 297 2.00 -19.83 4.67
CA CYS A 297 3.46 -19.97 4.52
C CYS A 297 4.11 -20.64 5.70
N CYS A 298 3.10 -20.85 6.69
CA CYS A 298 3.77 -21.26 7.93
C CYS A 298 3.46 -22.72 8.26
N SER A 299 2.80 -23.41 7.35
CA SER A 299 2.47 -24.81 7.57
C SER A 299 2.35 -25.52 6.23
N VAL A 300 2.74 -26.80 6.24
CA VAL A 300 2.45 -27.72 5.14
C VAL A 300 1.40 -28.70 5.65
N LEU A 301 0.24 -28.71 5.02
CA LEU A 301 -0.87 -29.56 5.47
C LEU A 301 -0.86 -30.88 4.71
N ILE A 302 -1.06 -31.97 5.44
CA ILE A 302 -0.97 -33.32 4.89
C ILE A 302 -2.17 -34.13 5.33
N ASN A 303 -2.74 -34.90 4.40
CA ASN A 303 -3.83 -35.83 4.69
C ASN A 303 -3.29 -37.24 4.64
N LYS A 304 -3.27 -37.90 5.80
CA LYS A 304 -2.74 -39.25 5.93
C LYS A 304 -3.86 -40.16 6.43
N LYS A 305 -4.36 -41.03 5.55
CA LYS A 305 -5.49 -41.89 5.87
C LYS A 305 -5.08 -43.08 6.73
N ALA B 31 19.43 23.59 2.98
CA ALA B 31 18.72 24.03 4.17
C ALA B 31 17.92 25.32 3.93
N ALA B 32 17.88 25.78 2.67
CA ALA B 32 17.06 26.94 2.36
C ALA B 32 15.60 26.53 2.14
N PHE B 33 14.74 27.53 2.11
CA PHE B 33 13.31 27.30 1.94
C PHE B 33 13.02 26.70 0.56
N GLY B 34 12.10 25.74 0.51
CA GLY B 34 11.70 25.12 -0.73
C GLY B 34 12.57 23.97 -1.21
N ARG B 35 13.65 23.66 -0.50
CA ARG B 35 14.50 22.54 -0.91
C ARG B 35 13.77 21.23 -0.64
N ALA B 36 13.93 20.29 -1.56
CA ALA B 36 13.28 18.99 -1.45
C ALA B 36 14.17 17.94 -2.10
N THR B 37 13.91 16.69 -1.74
CA THR B 37 14.69 15.57 -2.26
C THR B 37 13.78 14.46 -2.77
N HIS B 38 12.64 14.29 -2.12
CA HIS B 38 11.71 13.22 -2.46
C HIS B 38 10.29 13.76 -2.56
N ALA B 39 9.45 13.02 -3.28
CA ALA B 39 8.05 13.36 -3.42
C ALA B 39 7.24 12.08 -3.40
N VAL B 40 6.08 12.12 -2.74
CA VAL B 40 5.16 11.00 -2.66
C VAL B 40 3.91 11.36 -3.45
N VAL B 41 3.58 10.54 -4.44
CA VAL B 41 2.36 10.69 -5.22
C VAL B 41 1.56 9.41 -5.09
N ARG B 42 0.35 9.43 -5.66
CA ARG B 42 -0.49 8.24 -5.69
C ARG B 42 -1.27 8.24 -6.99
N ALA B 43 -1.27 7.11 -7.68
CA ALA B 43 -1.99 7.01 -8.93
C ALA B 43 -3.48 7.23 -8.70
N LEU B 44 -4.11 7.91 -9.62
CA LEU B 44 -5.54 8.15 -9.47
C LEU B 44 -6.32 6.93 -9.96
N PRO B 45 -7.36 6.52 -9.25
CA PRO B 45 -8.13 5.33 -9.65
C PRO B 45 -9.21 5.67 -10.67
N GLU B 46 -9.69 4.61 -11.34
CA GLU B 46 -10.80 4.78 -12.28
C GLU B 46 -12.06 5.28 -11.59
N SER B 47 -12.20 5.03 -10.29
CA SER B 47 -13.37 5.49 -9.55
C SER B 47 -13.38 7.01 -9.35
N LEU B 48 -12.28 7.69 -9.65
CA LEU B 48 -12.21 9.13 -9.44
C LEU B 48 -13.19 9.88 -10.34
N GLY B 49 -13.31 9.45 -11.60
CA GLY B 49 -14.10 10.20 -12.55
C GLY B 49 -15.53 10.39 -12.10
N GLN B 50 -16.11 9.37 -11.49
CA GLN B 50 -17.49 9.42 -11.04
C GLN B 50 -17.64 9.65 -9.55
N HIS B 51 -16.72 9.13 -8.73
CA HIS B 51 -16.96 9.02 -7.29
C HIS B 51 -16.07 9.91 -6.44
N ALA B 52 -15.29 10.80 -7.03
CA ALA B 52 -14.48 11.73 -6.25
C ALA B 52 -15.29 12.97 -5.90
N LEU B 53 -15.03 13.51 -4.71
CA LEU B 53 -15.74 14.72 -4.30
C LEU B 53 -15.44 15.89 -5.22
N ARG B 54 -16.46 16.74 -5.41
CA ARG B 54 -16.34 17.98 -6.14
C ARG B 54 -17.30 18.97 -5.51
N SER B 55 -16.86 20.23 -5.39
CA SER B 55 -17.65 21.27 -4.76
C SER B 55 -18.63 21.94 -5.71
N ALA B 56 -18.69 21.48 -6.97
CA ALA B 56 -19.62 22.02 -7.95
C ALA B 56 -19.78 21.00 -9.07
N LYS B 57 -21.03 20.69 -9.41
CA LYS B 57 -21.28 19.83 -10.55
C LYS B 57 -20.80 20.51 -11.83
N GLY B 58 -20.03 19.78 -12.63
CA GLY B 58 -19.51 20.33 -13.86
C GLY B 58 -19.48 19.32 -15.00
N GLU B 59 -18.64 19.57 -16.00
CA GLU B 59 -18.52 18.65 -17.11
C GLU B 59 -17.92 17.32 -16.64
N GLU B 60 -18.18 16.27 -17.41
CA GLU B 60 -17.72 14.94 -17.05
C GLU B 60 -16.20 14.89 -17.00
N VAL B 61 -15.69 14.06 -16.12
CA VAL B 61 -14.24 13.91 -15.91
C VAL B 61 -13.71 12.86 -16.87
N ASP B 62 -12.67 13.22 -17.62
CA ASP B 62 -11.96 12.27 -18.48
C ASP B 62 -10.85 11.64 -17.64
N VAL B 63 -11.12 10.46 -17.09
CA VAL B 63 -10.13 9.78 -16.26
C VAL B 63 -8.86 9.48 -17.04
N ALA B 64 -8.97 9.28 -18.35
CA ALA B 64 -7.80 8.95 -19.15
C ALA B 64 -6.85 10.15 -19.25
N ARG B 65 -7.38 11.32 -19.63
CA ARG B 65 -6.51 12.49 -19.72
C ARG B 65 -6.00 12.91 -18.35
N ALA B 66 -6.82 12.77 -17.31
CA ALA B 66 -6.37 13.08 -15.96
C ALA B 66 -5.24 12.15 -15.54
N GLU B 67 -5.26 10.91 -16.01
CA GLU B 67 -4.11 10.03 -15.82
C GLU B 67 -2.90 10.54 -16.58
N ARG B 68 -3.09 10.92 -17.85
CA ARG B 68 -2.01 11.46 -18.65
C ARG B 68 -1.43 12.72 -18.02
N GLN B 69 -2.28 13.62 -17.53
CA GLN B 69 -1.79 14.83 -16.88
C GLN B 69 -1.07 14.52 -15.57
N HIS B 70 -1.55 13.53 -14.83
CA HIS B 70 -0.85 13.11 -13.62
C HIS B 70 0.51 12.52 -13.93
N GLN B 71 0.66 11.86 -15.09
CA GLN B 71 1.95 11.28 -15.46
C GLN B 71 2.97 12.37 -15.82
N LEU B 72 2.54 13.38 -16.57
CA LEU B 72 3.43 14.51 -16.82
C LEU B 72 3.79 15.22 -15.52
N TYR B 73 2.86 15.25 -14.56
CA TYR B 73 3.14 15.82 -13.25
C TYR B 73 4.26 15.07 -12.54
N VAL B 74 4.22 13.73 -12.58
CA VAL B 74 5.26 12.95 -11.92
C VAL B 74 6.59 13.09 -12.67
N GLY B 75 6.54 13.11 -14.01
CA GLY B 75 7.76 13.29 -14.78
C GLY B 75 8.46 14.59 -14.50
N VAL B 76 7.70 15.63 -14.12
CA VAL B 76 8.32 16.89 -13.75
C VAL B 76 9.09 16.75 -12.43
N LEU B 77 8.53 16.04 -11.46
CA LEU B 77 9.19 15.93 -10.17
C LEU B 77 10.29 14.87 -10.19
N GLY B 78 10.03 13.74 -10.83
CA GLY B 78 10.97 12.63 -10.84
C GLY B 78 12.10 12.77 -11.84
N SER B 79 11.77 12.80 -13.12
CA SER B 79 12.80 12.88 -14.16
C SER B 79 13.27 14.32 -14.36
N LYS B 80 12.33 15.24 -14.54
CA LYS B 80 12.68 16.63 -14.84
C LYS B 80 13.53 17.24 -13.74
N LEU B 81 13.01 17.29 -12.51
CA LEU B 81 13.69 17.91 -11.38
C LEU B 81 14.57 16.95 -10.61
N GLY B 82 14.66 15.69 -11.03
CA GLY B 82 15.60 14.77 -10.44
C GLY B 82 15.22 14.21 -9.09
N LEU B 83 14.09 14.62 -8.52
CA LEU B 83 13.67 14.07 -7.24
C LEU B 83 13.32 12.59 -7.38
N GLN B 84 13.36 11.88 -6.25
CA GLN B 84 12.95 10.48 -6.22
C GLN B 84 11.49 10.40 -5.81
N VAL B 85 10.67 9.76 -6.65
CA VAL B 85 9.22 9.74 -6.50
C VAL B 85 8.78 8.34 -6.12
N VAL B 86 8.14 8.20 -4.98
CA VAL B 86 7.50 6.97 -4.55
C VAL B 86 6.04 7.05 -4.97
N GLU B 87 5.67 6.32 -6.01
CA GLU B 87 4.31 6.38 -6.55
C GLU B 87 3.46 5.31 -5.87
N LEU B 88 2.59 5.74 -4.97
CA LEU B 88 1.66 4.82 -4.33
C LEU B 88 0.66 4.29 -5.34
N PRO B 89 0.20 3.05 -5.17
CA PRO B 89 -0.74 2.47 -6.14
C PRO B 89 -2.14 3.03 -5.98
N ALA B 90 -2.89 3.01 -7.07
CA ALA B 90 -4.27 3.46 -7.04
C ALA B 90 -5.14 2.45 -6.31
N ASP B 91 -6.08 2.95 -5.52
CA ASP B 91 -7.06 2.12 -4.82
C ASP B 91 -8.44 2.59 -5.25
N GLU B 92 -9.17 1.72 -5.96
CA GLU B 92 -10.47 2.11 -6.48
C GLU B 92 -11.48 2.36 -5.36
N SER B 93 -11.20 1.86 -4.15
CA SER B 93 -12.09 2.11 -3.01
C SER B 93 -11.92 3.50 -2.42
N LEU B 94 -10.93 4.28 -2.88
CA LEU B 94 -10.68 5.63 -2.40
C LEU B 94 -10.57 6.54 -3.63
N PRO B 95 -11.67 7.16 -4.05
CA PRO B 95 -11.66 7.91 -5.30
C PRO B 95 -10.73 9.12 -5.28
N ASP B 96 -10.45 9.67 -4.10
CA ASP B 96 -9.64 10.88 -3.96
C ASP B 96 -8.22 10.57 -3.50
N CYS B 97 -7.77 9.32 -3.59
CA CYS B 97 -6.46 8.94 -3.11
C CYS B 97 -5.31 9.62 -3.85
N VAL B 98 -5.59 10.27 -4.98
CA VAL B 98 -4.54 10.95 -5.73
C VAL B 98 -4.09 12.22 -5.01
N PHE B 99 -4.97 12.84 -4.23
CA PHE B 99 -4.67 14.10 -3.55
C PHE B 99 -4.02 13.79 -2.20
N VAL B 100 -2.77 13.32 -2.28
CA VAL B 100 -2.02 12.90 -1.10
C VAL B 100 -1.66 14.04 -0.18
N GLU B 101 -1.75 15.29 -0.65
CA GLU B 101 -1.37 16.42 0.19
C GLU B 101 -2.26 16.51 1.44
N ASP B 102 -3.53 16.11 1.31
CA ASP B 102 -4.45 16.23 2.43
C ASP B 102 -4.13 15.28 3.58
N VAL B 103 -3.41 14.18 3.32
CA VAL B 103 -3.24 13.14 4.32
C VAL B 103 -1.95 13.27 5.11
N ALA B 104 -1.08 14.22 4.76
CA ALA B 104 0.17 14.36 5.50
C ALA B 104 0.74 15.75 5.30
N VAL B 105 1.20 16.34 6.40
CA VAL B 105 1.95 17.61 6.37
C VAL B 105 3.36 17.33 6.86
N VAL B 106 4.36 17.76 6.08
CA VAL B 106 5.76 17.48 6.36
C VAL B 106 6.46 18.79 6.67
N CYS B 107 7.32 18.77 7.69
CA CYS B 107 8.13 19.92 8.07
C CYS B 107 9.49 19.42 8.53
N GLU B 108 10.50 19.60 7.69
CA GLU B 108 11.86 19.13 7.97
C GLU B 108 11.87 17.64 8.26
N GLU B 109 12.01 17.30 9.55
CA GLU B 109 12.10 15.92 9.99
C GLU B 109 10.74 15.33 10.33
N THR B 110 9.82 16.15 10.81
CA THR B 110 8.54 15.67 11.33
C THR B 110 7.52 15.54 10.22
N ALA B 111 6.74 14.46 10.27
CA ALA B 111 5.72 14.13 9.27
C ALA B 111 4.39 13.99 9.99
N LEU B 112 3.58 15.05 9.97
CA LEU B 112 2.28 15.01 10.63
C LEU B 112 1.27 14.30 9.74
N ILE B 113 0.72 13.20 10.24
CA ILE B 113 -0.28 12.43 9.52
C ILE B 113 -1.64 12.97 9.91
N THR B 114 -2.35 13.57 8.95
CA THR B 114 -3.58 14.30 9.23
C THR B 114 -4.75 13.34 9.41
N ARG B 115 -5.91 13.90 9.79
CA ARG B 115 -7.18 13.18 9.83
C ARG B 115 -8.17 13.98 8.99
N PRO B 116 -8.39 13.60 7.73
CA PRO B 116 -9.18 14.44 6.82
C PRO B 116 -10.61 14.66 7.32
N GLY B 117 -11.15 15.83 6.98
CA GLY B 117 -12.53 16.15 7.29
C GLY B 117 -13.54 15.29 6.57
N ALA B 118 -13.15 14.63 5.49
CA ALA B 118 -14.00 13.67 4.82
C ALA B 118 -13.73 12.28 5.41
N PRO B 119 -14.69 11.68 6.10
CA PRO B 119 -14.43 10.36 6.72
C PRO B 119 -14.05 9.28 5.72
N SER B 120 -14.57 9.33 4.49
CA SER B 120 -14.26 8.31 3.50
C SER B 120 -12.82 8.38 3.00
N ARG B 121 -12.07 9.41 3.35
CA ARG B 121 -10.69 9.57 2.91
C ARG B 121 -9.68 9.18 3.98
N ARG B 122 -10.12 8.90 5.21
CA ARG B 122 -9.19 8.55 6.27
C ARG B 122 -8.54 7.19 6.05
N LYS B 123 -8.99 6.42 5.07
CA LYS B 123 -8.33 5.16 4.73
C LYS B 123 -7.13 5.36 3.80
N GLU B 124 -7.12 6.43 2.99
CA GLU B 124 -5.92 6.78 2.24
C GLU B 124 -4.75 7.05 3.17
N VAL B 125 -5.07 7.51 4.38
CA VAL B 125 -4.06 7.90 5.35
C VAL B 125 -3.11 6.76 5.68
N ASP B 126 -3.59 5.52 5.61
CA ASP B 126 -2.82 4.38 6.10
C ASP B 126 -1.58 4.11 5.26
N MET B 127 -1.69 4.15 3.93
CA MET B 127 -0.52 3.78 3.13
C MET B 127 0.52 4.89 3.10
N MET B 128 0.09 6.15 3.20
CA MET B 128 1.02 7.25 3.33
C MET B 128 1.84 7.13 4.61
N LYS B 129 1.22 6.63 5.69
CA LYS B 129 1.94 6.35 6.92
C LYS B 129 3.07 5.34 6.69
N GLU B 130 2.88 4.41 5.76
CA GLU B 130 3.91 3.41 5.48
C GLU B 130 5.15 4.03 4.85
N ALA B 131 4.97 4.73 3.72
CA ALA B 131 6.11 5.27 2.99
C ALA B 131 6.84 6.34 3.77
N LEU B 132 6.14 7.02 4.68
CA LEU B 132 6.76 8.11 5.42
C LEU B 132 7.71 7.57 6.48
N GLU B 133 7.32 6.51 7.18
CA GLU B 133 8.23 5.84 8.10
C GLU B 133 9.35 5.10 7.38
N LYS B 134 9.13 4.71 6.13
CA LYS B 134 10.16 4.00 5.39
C LYS B 134 11.33 4.91 5.04
N LEU B 135 11.07 6.21 4.81
CA LEU B 135 12.13 7.16 4.47
C LEU B 135 12.66 7.89 5.70
N GLN B 136 12.65 7.24 6.87
CA GLN B 136 13.35 7.72 8.06
C GLN B 136 12.79 9.06 8.56
N LEU B 137 11.47 9.15 8.67
CA LEU B 137 10.83 10.38 9.09
C LEU B 137 10.17 10.21 10.45
N ASN B 138 10.09 11.32 11.18
CA ASN B 138 9.36 11.35 12.44
C ASN B 138 7.87 11.42 12.17
N ILE B 139 7.14 10.39 12.59
CA ILE B 139 5.71 10.28 12.31
C ILE B 139 4.92 10.74 13.51
N VAL B 140 3.89 11.55 13.26
CA VAL B 140 2.95 11.99 14.29
C VAL B 140 1.55 11.85 13.72
N GLU B 141 0.71 11.07 14.37
CA GLU B 141 -0.65 10.79 13.90
C GLU B 141 -1.66 11.69 14.58
N MET B 142 -2.78 11.89 13.89
CA MET B 142 -3.85 12.78 14.32
C MET B 142 -5.07 11.90 14.54
N LYS B 143 -5.27 11.47 15.79
CA LYS B 143 -6.32 10.53 16.13
C LYS B 143 -7.41 11.11 17.03
N ASP B 144 -7.28 12.36 17.45
CA ASP B 144 -8.35 13.05 18.16
C ASP B 144 -9.61 13.00 17.32
N GLU B 145 -10.61 12.20 17.74
CA GLU B 145 -11.86 12.05 16.99
C GLU B 145 -12.58 13.39 16.89
N ASN B 146 -11.95 14.43 17.44
CA ASN B 146 -12.43 15.81 17.48
C ASN B 146 -11.77 16.70 16.46
N ALA B 147 -10.73 16.21 15.78
CA ALA B 147 -9.80 17.08 15.08
C ALA B 147 -9.77 16.66 13.61
N THR B 148 -10.26 17.54 12.75
CA THR B 148 -10.24 17.33 11.30
C THR B 148 -9.36 18.38 10.67
N LEU B 149 -8.45 17.95 9.81
CA LEU B 149 -7.52 18.86 9.16
C LEU B 149 -7.14 18.29 7.80
N ASP B 150 -7.40 19.06 6.75
CA ASP B 150 -6.92 18.73 5.42
C ASP B 150 -5.58 19.43 5.19
N GLY B 151 -4.59 18.67 4.73
CA GLY B 151 -3.30 19.25 4.39
C GLY B 151 -3.40 20.35 3.35
N GLY B 152 -4.48 20.39 2.57
CA GLY B 152 -4.68 21.44 1.60
C GLY B 152 -5.05 22.78 2.21
N ASP B 153 -5.44 22.79 3.48
CA ASP B 153 -5.72 24.02 4.21
C ASP B 153 -4.50 24.57 4.94
N VAL B 154 -3.34 23.93 4.76
CA VAL B 154 -2.12 24.27 5.49
C VAL B 154 -1.15 24.94 4.53
N LEU B 155 -0.70 26.14 4.88
CA LEU B 155 0.25 26.90 4.09
C LEU B 155 1.52 27.12 4.92
N PHE B 156 2.63 26.56 4.47
CA PHE B 156 3.92 26.67 5.15
C PHE B 156 4.81 27.63 4.37
N THR B 157 5.17 28.74 4.98
CA THR B 157 5.98 29.77 4.34
C THR B 157 7.46 29.67 4.68
N GLY B 158 7.88 28.60 5.35
CA GLY B 158 9.25 28.48 5.80
C GLY B 158 9.57 29.18 7.09
N ARG B 159 8.74 30.13 7.52
CA ARG B 159 8.89 30.76 8.81
C ARG B 159 7.72 30.49 9.76
N GLU B 160 6.55 30.15 9.23
CA GLU B 160 5.38 29.91 10.06
C GLU B 160 4.37 29.09 9.28
N PHE B 161 3.30 28.68 9.96
CA PHE B 161 2.23 27.89 9.37
C PHE B 161 0.96 28.71 9.35
N PHE B 162 0.30 28.75 8.19
CA PHE B 162 -1.04 29.32 8.05
C PHE B 162 -2.00 28.19 7.75
N VAL B 163 -3.02 28.04 8.59
CA VAL B 163 -3.99 26.94 8.49
C VAL B 163 -5.38 27.53 8.34
N GLY B 164 -6.03 27.25 7.21
CA GLY B 164 -7.35 27.78 6.98
C GLY B 164 -8.42 26.99 7.71
N LEU B 165 -9.45 27.71 8.19
CA LEU B 165 -10.59 27.12 8.88
C LEU B 165 -11.72 26.97 7.86
N SER B 166 -11.83 25.79 7.28
CA SER B 166 -12.80 25.49 6.22
C SER B 166 -13.73 24.37 6.68
N LYS B 167 -14.51 23.85 5.73
CA LYS B 167 -15.45 22.78 6.04
C LYS B 167 -14.75 21.49 6.45
N ARG B 168 -13.50 21.30 6.02
CA ARG B 168 -12.73 20.11 6.37
C ARG B 168 -11.79 20.32 7.55
N THR B 169 -11.51 21.57 7.92
CA THR B 169 -10.49 21.88 8.93
C THR B 169 -11.13 22.67 10.07
N ASN B 170 -11.03 22.14 11.28
CA ASN B 170 -11.62 22.77 12.45
C ASN B 170 -10.52 23.44 13.29
N GLN B 171 -10.89 23.90 14.49
CA GLN B 171 -9.93 24.57 15.36
C GLN B 171 -8.96 23.56 16.00
N ARG B 172 -9.47 22.43 16.49
CA ARG B 172 -8.60 21.43 17.07
C ARG B 172 -7.60 20.91 16.05
N GLY B 173 -7.96 20.96 14.76
CA GLY B 173 -6.99 20.63 13.73
C GLY B 173 -5.80 21.56 13.74
N ALA B 174 -6.05 22.87 13.79
CA ALA B 174 -4.99 23.87 13.81
C ALA B 174 -4.26 23.92 15.15
N GLU B 175 -4.69 23.14 16.13
CA GLU B 175 -4.02 23.11 17.43
C GLU B 175 -3.10 21.91 17.60
N ILE B 176 -3.38 20.81 16.90
CA ILE B 176 -2.49 19.66 16.99
C ILE B 176 -1.29 19.84 16.08
N LEU B 177 -1.50 20.38 14.89
CA LEU B 177 -0.37 20.68 14.02
C LEU B 177 0.54 21.72 14.66
N ALA B 178 -0.03 22.68 15.40
CA ALA B 178 0.78 23.65 16.13
C ALA B 178 1.61 22.98 17.22
N ASP B 179 1.01 22.02 17.93
CA ASP B 179 1.75 21.24 18.91
C ASP B 179 2.63 20.16 18.27
N THR B 180 2.48 19.93 16.97
CA THR B 180 3.38 19.04 16.25
C THR B 180 4.63 19.74 15.76
N PHE B 181 4.56 21.05 15.52
CA PHE B 181 5.69 21.87 15.06
C PHE B 181 5.84 23.06 16.02
N LYS B 182 6.45 22.81 17.18
CA LYS B 182 6.57 23.84 18.21
C LYS B 182 7.54 24.94 17.82
N ASP B 183 8.39 24.71 16.82
CA ASP B 183 9.40 25.70 16.45
C ASP B 183 8.82 26.84 15.65
N TYR B 184 7.71 26.61 14.95
CA TYR B 184 7.11 27.61 14.07
C TYR B 184 5.79 28.10 14.65
N ALA B 185 5.45 29.34 14.32
CA ALA B 185 4.16 29.89 14.71
C ALA B 185 3.06 29.33 13.81
N VAL B 186 1.82 29.45 14.30
CA VAL B 186 0.65 28.98 13.57
C VAL B 186 -0.48 29.98 13.75
N SER B 187 -1.08 30.40 12.65
CA SER B 187 -2.24 31.29 12.69
C SER B 187 -3.31 30.77 11.74
N THR B 188 -4.57 31.05 12.06
CA THR B 188 -5.71 30.59 11.30
C THR B 188 -6.35 31.74 10.53
N VAL B 189 -7.09 31.38 9.49
CA VAL B 189 -7.73 32.34 8.60
C VAL B 189 -9.03 31.71 8.08
N PRO B 190 -10.14 32.43 8.03
CA PRO B 190 -11.39 31.79 7.58
C PRO B 190 -11.40 31.51 6.09
N VAL B 191 -12.01 30.39 5.71
CA VAL B 191 -12.14 29.96 4.32
C VAL B 191 -13.60 29.64 4.06
N ALA B 192 -14.17 30.29 3.05
CA ALA B 192 -15.60 30.19 2.76
C ALA B 192 -15.89 29.07 1.76
N ASP B 193 -17.18 28.72 1.68
CA ASP B 193 -17.69 27.74 0.72
C ASP B 193 -17.01 26.39 0.98
N GLY B 194 -16.82 25.61 -0.07
CA GLY B 194 -16.13 24.33 0.02
C GLY B 194 -14.71 24.41 -0.53
N LEU B 195 -14.05 25.53 -0.26
CA LEU B 195 -12.70 25.78 -0.72
C LEU B 195 -11.67 25.32 0.31
N HIS B 196 -10.42 25.32 -0.11
CA HIS B 196 -9.28 25.17 0.78
C HIS B 196 -8.50 26.48 0.82
N LEU B 197 -7.64 26.61 1.83
CA LEU B 197 -6.79 27.79 1.90
C LEU B 197 -5.88 27.87 0.69
N LYS B 198 -5.28 26.74 0.30
CA LYS B 198 -4.41 26.72 -0.87
C LYS B 198 -5.18 26.59 -2.18
N SER B 199 -6.50 26.80 -2.15
CA SER B 199 -7.27 26.89 -3.39
C SER B 199 -7.10 28.23 -4.08
N PHE B 200 -6.58 29.24 -3.38
CA PHE B 200 -6.36 30.55 -3.95
C PHE B 200 -4.98 31.12 -3.61
N CYS B 201 -4.08 30.30 -3.10
CA CYS B 201 -2.75 30.78 -2.74
C CYS B 201 -1.80 29.61 -2.62
N SER B 202 -0.51 29.93 -2.59
CA SER B 202 0.59 29.00 -2.38
C SER B 202 1.88 29.81 -2.39
N MET B 203 2.96 29.20 -1.91
CA MET B 203 4.27 29.84 -1.91
C MET B 203 4.89 29.73 -3.31
N ALA B 204 5.23 30.88 -3.90
CA ALA B 204 5.88 30.92 -5.20
C ALA B 204 7.40 31.02 -5.11
N GLY B 205 7.94 31.28 -3.92
CA GLY B 205 9.36 31.42 -3.72
C GLY B 205 9.67 31.91 -2.32
N PRO B 206 10.95 32.15 -2.02
CA PRO B 206 11.32 32.63 -0.68
C PRO B 206 10.62 33.95 -0.37
N ASN B 207 9.82 33.94 0.69
CA ASN B 207 9.07 35.12 1.15
C ASN B 207 8.11 35.63 0.08
N LEU B 208 7.69 34.79 -0.86
CA LEU B 208 6.82 35.18 -1.97
C LEU B 208 5.56 34.33 -1.94
N ILE B 209 4.39 34.99 -1.88
CA ILE B 209 3.10 34.32 -1.80
C ILE B 209 2.33 34.62 -3.09
N ALA B 210 2.06 33.58 -3.86
CA ALA B 210 1.12 33.71 -4.97
C ALA B 210 -0.29 33.79 -4.40
N ILE B 211 -1.04 34.80 -4.84
CA ILE B 211 -2.38 35.05 -4.32
C ILE B 211 -3.31 35.35 -5.49
N GLY B 212 -4.55 34.90 -5.38
CA GLY B 212 -5.55 35.19 -6.40
C GLY B 212 -5.97 36.64 -6.38
N SER B 213 -6.89 36.96 -7.28
CA SER B 213 -7.36 38.33 -7.41
C SER B 213 -8.80 38.53 -6.98
N SER B 214 -9.53 37.46 -6.66
CA SER B 214 -10.83 37.62 -6.03
C SER B 214 -10.65 38.21 -4.63
N GLU B 215 -11.70 38.88 -4.15
CA GLU B 215 -11.63 39.44 -2.82
C GLU B 215 -11.74 38.39 -1.72
N SER B 216 -12.17 37.16 -2.06
CA SER B 216 -12.03 36.06 -1.12
C SER B 216 -10.55 35.76 -0.87
N ALA B 217 -9.74 35.81 -1.93
CA ALA B 217 -8.29 35.65 -1.78
C ALA B 217 -7.64 36.91 -1.21
N GLN B 218 -8.20 38.08 -1.49
CA GLN B 218 -7.66 39.32 -0.95
C GLN B 218 -7.99 39.48 0.53
N LYS B 219 -9.24 39.17 0.93
CA LYS B 219 -9.60 39.22 2.33
C LYS B 219 -8.73 38.28 3.16
N ALA B 220 -8.61 37.04 2.72
CA ALA B 220 -7.76 36.07 3.41
C ALA B 220 -6.34 36.62 3.57
N LEU B 221 -5.78 37.17 2.49
CA LEU B 221 -4.37 37.53 2.47
C LEU B 221 -4.03 38.59 3.51
N LYS B 222 -4.90 39.59 3.69
CA LYS B 222 -4.59 40.65 4.64
C LYS B 222 -4.71 40.18 6.09
N ILE B 223 -5.57 39.20 6.35
CA ILE B 223 -5.54 38.54 7.66
C ILE B 223 -4.24 37.77 7.83
N MET B 224 -3.76 37.14 6.76
CA MET B 224 -2.49 36.42 6.82
C MET B 224 -1.31 37.37 6.98
N GLN B 225 -1.42 38.59 6.45
CA GLN B 225 -0.30 39.53 6.48
C GLN B 225 -0.23 40.32 7.78
N GLN B 226 -1.34 40.42 8.52
CA GLN B 226 -1.34 41.15 9.79
C GLN B 226 -0.79 40.30 10.93
N MET B 227 -1.33 39.09 11.10
CA MET B 227 -1.04 38.28 12.28
C MET B 227 0.35 37.65 12.24
N SER B 228 1.27 38.27 11.52
CA SER B 228 2.61 37.72 11.32
C SER B 228 3.66 38.80 11.58
N ASP B 229 4.78 38.37 12.19
CA ASP B 229 5.92 39.27 12.38
C ASP B 229 6.46 39.80 11.05
N HIS B 230 6.13 39.14 9.95
CA HIS B 230 6.72 39.40 8.64
C HIS B 230 5.70 40.08 7.74
N ARG B 231 6.21 40.87 6.80
CA ARG B 231 5.43 41.35 5.67
C ARG B 231 5.92 40.59 4.45
N TYR B 232 5.07 39.72 3.91
CA TYR B 232 5.46 38.87 2.80
C TYR B 232 5.32 39.62 1.48
N ASP B 233 6.17 39.25 0.52
CA ASP B 233 6.01 39.69 -0.86
C ASP B 233 4.91 38.85 -1.52
N LYS B 234 4.02 39.52 -2.24
CA LYS B 234 2.90 38.85 -2.89
C LYS B 234 3.00 38.97 -4.41
N LEU B 235 2.67 37.89 -5.11
CA LEU B 235 2.59 37.87 -6.57
C LEU B 235 1.14 37.65 -6.92
N THR B 236 0.46 38.72 -7.32
CA THR B 236 -0.97 38.65 -7.60
C THR B 236 -1.22 38.09 -8.99
N VAL B 237 -2.17 37.15 -9.08
CA VAL B 237 -2.52 36.52 -10.35
C VAL B 237 -4.02 36.60 -10.55
N PRO B 238 -4.52 36.69 -11.79
CA PRO B 238 -5.96 36.91 -11.98
C PRO B 238 -6.81 35.73 -11.53
N ASP B 239 -6.40 34.51 -11.85
CA ASP B 239 -7.18 33.31 -11.58
C ASP B 239 -6.74 32.70 -10.26
N ASP B 240 -7.66 32.63 -9.30
CA ASP B 240 -7.32 32.11 -7.98
C ASP B 240 -6.76 30.69 -8.07
N ILE B 241 -7.40 29.84 -8.87
CA ILE B 241 -6.97 28.46 -9.01
C ILE B 241 -5.52 28.39 -9.49
N ALA B 242 -5.10 29.33 -10.32
CA ALA B 242 -3.74 29.36 -10.83
C ALA B 242 -2.74 29.94 -9.83
N ALA B 243 -3.20 30.51 -8.72
CA ALA B 243 -2.28 30.92 -7.67
C ALA B 243 -1.64 29.73 -6.99
N ASN B 244 -2.29 28.57 -7.01
CA ASN B 244 -1.72 27.35 -6.46
C ASN B 244 -0.59 26.87 -7.37
N CYS B 245 0.64 27.00 -6.90
CA CYS B 245 1.79 26.52 -7.65
C CYS B 245 2.69 25.74 -6.71
N ILE B 246 3.73 25.14 -7.26
CA ILE B 246 4.75 24.44 -6.48
C ILE B 246 6.07 25.15 -6.71
N TYR B 247 6.62 25.73 -5.65
CA TYR B 247 7.96 26.29 -5.71
C TYR B 247 8.94 25.30 -5.09
N LEU B 248 10.02 25.02 -5.82
CA LEU B 248 11.08 24.15 -5.35
C LEU B 248 12.43 24.77 -5.64
N ASN B 249 13.39 24.49 -4.78
CA ASN B 249 14.78 24.92 -4.95
C ASN B 249 15.60 23.64 -5.15
N ILE B 250 16.01 23.38 -6.40
CA ILE B 250 16.71 22.15 -6.75
C ILE B 250 18.20 22.45 -6.89
N PRO B 251 19.09 21.57 -6.43
CA PRO B 251 20.53 21.82 -6.59
C PRO B 251 20.92 22.06 -8.03
N ASN B 252 21.84 23.02 -8.23
CA ASN B 252 22.37 23.39 -9.53
C ASN B 252 21.30 23.95 -10.47
N LYS B 253 20.13 24.32 -9.94
CA LYS B 253 19.07 24.87 -10.79
C LYS B 253 18.42 26.10 -10.16
N GLY B 254 18.43 26.18 -8.84
CA GLY B 254 17.87 27.34 -8.17
C GLY B 254 16.36 27.34 -8.08
N HIS B 255 15.74 28.49 -8.34
CA HIS B 255 14.30 28.63 -8.22
C HIS B 255 13.58 27.86 -9.32
N VAL B 256 12.70 26.95 -8.93
CA VAL B 256 11.85 26.21 -9.86
C VAL B 256 10.40 26.42 -9.43
N LEU B 257 9.53 26.68 -10.40
CA LEU B 257 8.13 26.93 -10.12
C LEU B 257 7.27 26.15 -11.10
N LEU B 258 6.41 25.28 -10.56
CA LEU B 258 5.44 24.54 -11.35
C LEU B 258 4.13 25.32 -11.36
N HIS B 259 3.72 25.78 -12.54
CA HIS B 259 2.51 26.59 -12.68
C HIS B 259 1.60 25.99 -13.74
N ARG B 260 0.38 26.50 -13.79
CA ARG B 260 -0.58 26.05 -14.79
C ARG B 260 -0.20 26.57 -16.18
N THR B 261 -0.53 25.78 -17.20
CA THR B 261 -0.10 26.08 -18.55
C THR B 261 -0.79 27.35 -19.07
N PRO B 262 -0.21 28.01 -20.07
CA PRO B 262 -0.89 29.17 -20.66
C PRO B 262 -2.14 28.80 -21.43
N GLU B 263 -2.31 27.55 -21.83
CA GLU B 263 -3.57 27.16 -22.45
C GLU B 263 -4.70 27.14 -21.44
N GLU B 264 -4.40 26.81 -20.17
CA GLU B 264 -5.42 26.80 -19.13
C GLU B 264 -5.75 28.21 -18.64
N TYR B 265 -4.73 28.93 -18.16
CA TYR B 265 -4.88 30.29 -17.66
C TYR B 265 -3.76 31.15 -18.24
N PRO B 266 -3.97 31.72 -19.42
CA PRO B 266 -2.91 32.53 -20.04
C PRO B 266 -2.67 33.86 -19.36
N GLU B 267 -3.65 34.39 -18.62
CA GLU B 267 -3.46 35.67 -17.94
C GLU B 267 -2.76 35.53 -16.60
N SER B 268 -2.70 34.33 -16.04
CA SER B 268 -1.87 34.08 -14.87
C SER B 268 -0.49 33.57 -15.26
N ALA B 269 -0.37 32.90 -16.40
CA ALA B 269 0.90 32.33 -16.80
C ALA B 269 1.92 33.41 -17.17
N LYS B 270 1.46 34.55 -17.67
CA LYS B 270 2.40 35.63 -17.98
C LYS B 270 2.90 36.32 -16.72
N VAL B 271 2.10 36.36 -15.65
CA VAL B 271 2.57 36.88 -14.37
C VAL B 271 3.74 36.05 -13.87
N TYR B 272 3.74 34.75 -14.14
CA TYR B 272 4.83 33.89 -13.67
C TYR B 272 6.10 34.09 -14.50
N GLU B 273 5.97 34.50 -15.76
CA GLU B 273 7.16 34.79 -16.56
C GLU B 273 7.86 36.06 -16.11
N LYS B 274 7.20 36.88 -15.29
CA LYS B 274 7.89 37.98 -14.63
C LYS B 274 9.08 37.47 -13.81
N LEU B 275 8.91 36.31 -13.17
CA LEU B 275 9.97 35.68 -12.38
C LEU B 275 11.08 35.25 -13.32
N LYS B 276 11.95 36.21 -13.65
CA LYS B 276 13.06 35.94 -14.56
C LYS B 276 14.12 35.03 -13.94
N ASP B 277 14.15 34.94 -12.61
CA ASP B 277 15.10 34.08 -11.92
C ASP B 277 14.57 32.67 -11.69
N HIS B 278 13.29 32.44 -11.97
CA HIS B 278 12.69 31.13 -11.80
C HIS B 278 12.74 30.34 -13.10
N MET B 279 13.00 29.04 -12.97
CA MET B 279 12.84 28.11 -14.08
C MET B 279 11.39 27.63 -14.07
N LEU B 280 10.61 28.10 -15.03
CA LEU B 280 9.17 27.91 -15.02
C LEU B 280 8.81 26.60 -15.72
N ILE B 281 7.93 25.84 -15.10
CA ILE B 281 7.49 24.55 -15.63
C ILE B 281 5.97 24.57 -15.71
N PRO B 282 5.38 24.70 -16.89
CA PRO B 282 3.91 24.62 -16.99
C PRO B 282 3.44 23.17 -16.91
N VAL B 283 2.55 22.90 -15.96
CA VAL B 283 1.98 21.57 -15.75
C VAL B 283 0.46 21.69 -15.81
N SER B 284 -0.17 20.78 -16.54
CA SER B 284 -1.62 20.82 -16.74
C SER B 284 -2.35 19.99 -15.70
N MET B 285 -3.47 20.54 -15.22
CA MET B 285 -4.38 19.86 -14.30
C MET B 285 -5.83 20.11 -14.67
N SER B 286 -6.12 20.28 -15.96
CA SER B 286 -7.44 20.73 -16.38
C SER B 286 -8.53 19.73 -16.03
N GLU B 287 -8.19 18.44 -15.97
CA GLU B 287 -9.20 17.45 -15.63
C GLU B 287 -9.39 17.33 -14.11
N LEU B 288 -8.29 17.12 -13.38
CA LEU B 288 -8.40 17.04 -11.93
C LEU B 288 -8.91 18.32 -11.31
N GLU B 289 -8.85 19.43 -12.05
CA GLU B 289 -9.49 20.67 -11.59
C GLU B 289 -10.98 20.47 -11.38
N LYS B 290 -11.61 19.61 -12.18
CA LYS B 290 -13.06 19.40 -12.08
C LYS B 290 -13.45 18.85 -10.72
N VAL B 291 -12.51 18.22 -10.01
CA VAL B 291 -12.74 17.71 -8.66
C VAL B 291 -11.88 18.47 -7.67
N ASP B 292 -11.65 19.76 -7.95
CA ASP B 292 -10.97 20.67 -7.04
C ASP B 292 -9.52 20.25 -6.78
N GLY B 293 -8.89 19.60 -7.76
CA GLY B 293 -7.52 19.18 -7.61
C GLY B 293 -6.57 20.24 -8.16
N LEU B 294 -5.58 20.59 -7.35
CA LEU B 294 -4.60 21.60 -7.72
C LEU B 294 -3.20 21.00 -7.70
N LEU B 295 -2.21 21.83 -8.02
CA LEU B 295 -0.84 21.35 -8.17
C LEU B 295 -0.27 20.87 -6.85
N THR B 296 -0.45 21.65 -5.77
CA THR B 296 0.07 21.27 -4.48
C THR B 296 -0.61 20.01 -3.95
N CYS B 297 -1.69 19.35 -4.62
CA CYS B 297 -2.46 18.29 -3.91
C CYS B 297 -2.10 16.92 -4.37
N CYS B 298 -1.20 17.22 -5.44
CA CYS B 298 -1.04 15.82 -5.86
C CYS B 298 0.33 15.29 -5.48
N SER B 299 0.94 15.87 -4.44
CA SER B 299 2.26 15.45 -4.03
C SER B 299 2.55 15.94 -2.61
N VAL B 300 3.39 15.20 -1.91
CA VAL B 300 3.91 15.58 -0.60
C VAL B 300 5.42 15.67 -0.71
N LEU B 301 5.97 16.83 -0.37
CA LEU B 301 7.37 17.15 -0.61
C LEU B 301 8.19 16.92 0.66
N ILE B 302 9.22 16.09 0.55
CA ILE B 302 10.08 15.75 1.67
C ILE B 302 11.52 16.10 1.31
N ASN B 303 12.16 16.89 2.17
CA ASN B 303 13.58 17.24 2.04
C ASN B 303 14.34 16.46 3.11
N LYS B 304 14.98 15.37 2.71
CA LYS B 304 15.81 14.58 3.62
C LYS B 304 17.25 14.67 3.14
N LYS B 305 18.10 15.30 3.97
CA LYS B 305 19.48 15.60 3.60
C LYS B 305 20.35 14.35 3.56
C2 NOU C . 3.89 -15.51 0.10
C4 NOU C . 5.90 -16.08 1.17
C5 NOU C . 5.22 -16.80 2.14
C6 NOU C . 3.83 -16.87 2.08
C7 NOU C . 3.16 -16.22 1.06
C9 NOU C . 7.95 -15.99 2.46
C10 NOU C . 8.61 -14.64 2.73
O13 NOU C . 11.28 -15.85 1.15
C11 NOU C . 10.11 -14.81 2.93
C12 NOU C . 10.77 -14.79 1.58
N15 NOU C . 10.65 -13.73 3.81
N3 NOU C . 5.22 -15.46 0.18
N8 NOU C . 7.25 -16.01 1.20
O14 NOU C . 10.77 -13.71 0.94
C2 NOU D . -7.30 22.18 -2.51
C4 NOU D . -7.80 19.88 -2.49
C5 NOU D . -6.58 19.59 -3.07
C6 NOU D . -5.70 20.61 -3.39
C7 NOU D . -6.06 21.92 -3.10
C9 NOU D . -8.75 17.74 -3.08
C10 NOU D . -10.11 17.64 -3.78
O13 NOU D . -11.51 16.53 -0.99
C11 NOU D . -10.90 16.44 -3.27
C12 NOU D . -11.79 16.89 -2.15
N15 NOU D . -11.67 15.81 -4.38
N3 NOU D . -8.13 21.16 -2.23
N8 NOU D . -8.66 18.88 -2.19
O14 NOU D . -12.79 17.59 -2.43
#